data_5OK4
#
_entry.id   5OK4
#
_cell.length_a   127.418
_cell.length_b   127.418
_cell.length_c   141.211
_cell.angle_alpha   90.00
_cell.angle_beta   90.00
_cell.angle_gamma   120.00
#
_symmetry.space_group_name_H-M   'H 3 2'
#
loop_
_entity.id
_entity.type
_entity.pdbx_description
1 polymer '5,10-methenyltetrahydromethanopterin hydrogenase'
2 non-polymer 'FE (III) ION'
3 non-polymer "5'-O-[(S)-{[2-(carboxymethyl)-6-hydroxy-3,5-dimethylpyridin-4-yl]oxy}(hydroxy)phosphoryl]guanosine"
4 non-polymer GLYCEROL
5 water water
#
_entity_poly.entity_id   1
_entity_poly.type   'polypeptide(L)'
_entity_poly.pdbx_seq_one_letter_code
;MKLAILGAGCYRTHAASGITNFSRACEVAEMVGKPEIAMTHSTITMGAELKELAGVDEVVVADPVFDNQFTVIDDFAYED
VIEAHKEDPEKIMPQIREKVNEVAKELPKPPEGAIHFTHPEDLGFEITTDDREAVADADFIMTWFPKGDMQPDIINKFID
DIKPGAIVTHACTIPTTKFYKIFEQKHGDLVTKPETLNVTSYHPGAVPEMKGQVYIAEGYASEDAIETLFELGQKARGNA
YRLPAELLGPVCDMCSALTAITYAGILSYRDSVTQVLGAPASFAQMMAKESLEQITALMEKVGIDKMEENLDPGALLGTA
DSMNFGASAEILPTVFEILEKRKK
;
_entity_poly.pdbx_strand_id   A
#
loop_
_chem_comp.id
_chem_comp.type
_chem_comp.name
_chem_comp.formula
FE non-polymer 'FE (III) ION' 'Fe 3'
FEG non-polymer 5'-O-[(S)-{[2-(carboxymethyl)-6-hydroxy-3,5-dimethylpyridin-4-yl]oxy}(hydroxy)phosphoryl]guanosine 'C19 H23 N6 O11 P'
GOL non-polymer GLYCEROL 'C3 H8 O3'
#
# COMPACT_ATOMS: atom_id res chain seq x y z
N MET A 1 -3.42 12.58 -19.69
CA MET A 1 -2.51 12.29 -18.53
C MET A 1 -1.43 11.28 -18.91
N LYS A 2 -0.21 11.58 -18.50
CA LYS A 2 0.92 10.68 -18.65
C LYS A 2 1.34 10.13 -17.28
N LEU A 3 1.37 8.82 -17.18
CA LEU A 3 1.82 8.09 -16.01
C LEU A 3 3.21 7.54 -16.29
N ALA A 4 4.15 7.83 -15.40
CA ALA A 4 5.48 7.25 -15.43
C ALA A 4 5.60 6.34 -14.23
N ILE A 5 5.77 5.05 -14.48
CA ILE A 5 5.98 4.05 -13.45
C ILE A 5 7.47 3.84 -13.34
N LEU A 6 8.02 4.10 -12.17
CA LEU A 6 9.46 3.93 -11.94
C LEU A 6 9.63 2.70 -11.05
N GLY A 7 9.91 1.58 -11.71
CA GLY A 7 10.06 0.28 -11.08
C GLY A 7 8.97 -0.66 -11.51
N ALA A 8 9.34 -1.69 -12.26
CA ALA A 8 8.38 -2.68 -12.76
C ALA A 8 8.07 -3.77 -11.76
N GLY A 9 8.94 -3.98 -10.77
CA GLY A 9 8.79 -5.04 -9.81
C GLY A 9 9.32 -6.38 -10.29
N CYS A 10 9.43 -7.30 -9.34
CA CYS A 10 9.74 -8.70 -9.64
C CYS A 10 8.75 -9.58 -8.89
N TYR A 11 8.29 -10.64 -9.54
CA TYR A 11 7.34 -11.54 -8.91
C TYR A 11 7.97 -12.44 -7.85
N ARG A 12 9.30 -12.54 -7.77
CA ARG A 12 9.86 -13.67 -7.03
C ARG A 12 9.38 -13.73 -5.58
N THR A 13 9.33 -12.58 -4.89
CA THR A 13 8.93 -12.63 -3.48
C THR A 13 7.44 -12.88 -3.34
N HIS A 14 6.65 -12.52 -4.35
CA HIS A 14 5.22 -12.85 -4.29
C HIS A 14 5.05 -14.36 -4.36
N ALA A 15 5.70 -15.00 -5.33
CA ALA A 15 5.64 -16.45 -5.41
C ALA A 15 6.16 -17.10 -4.13
N ALA A 16 7.29 -16.59 -3.63
CA ALA A 16 7.95 -17.25 -2.50
C ALA A 16 7.09 -17.20 -1.25
N SER A 17 6.22 -16.19 -1.12
CA SER A 17 5.37 -16.09 0.07
C SER A 17 4.42 -17.26 0.17
N GLY A 18 4.05 -17.86 -0.96
CA GLY A 18 3.14 -18.97 -0.93
C GLY A 18 1.69 -18.61 -0.76
N ILE A 19 1.35 -17.31 -0.72
CA ILE A 19 0.00 -16.93 -0.27
C ILE A 19 -0.68 -15.92 -1.19
N THR A 20 -0.10 -15.65 -2.36
CA THR A 20 -0.72 -14.69 -3.26
C THR A 20 -1.28 -15.39 -4.50
N ASN A 21 -2.08 -14.64 -5.24
CA ASN A 21 -2.66 -15.12 -6.48
C ASN A 21 -2.89 -13.91 -7.40
N PHE A 22 -3.59 -14.15 -8.52
CA PHE A 22 -3.85 -13.13 -9.52
C PHE A 22 -5.32 -12.72 -9.59
N SER A 23 -6.06 -12.82 -8.48
CA SER A 23 -7.51 -12.65 -8.55
CA SER A 23 -7.51 -12.65 -8.55
C SER A 23 -7.90 -11.30 -9.15
N ARG A 24 -7.28 -10.22 -8.67
CA ARG A 24 -7.65 -8.89 -9.15
C ARG A 24 -7.22 -8.70 -10.59
N ALA A 25 -5.99 -9.10 -10.93
CA ALA A 25 -5.53 -8.97 -12.32
C ALA A 25 -6.46 -9.71 -13.27
N CYS A 26 -6.91 -10.90 -12.87
CA CYS A 26 -7.86 -11.65 -13.69
C CYS A 26 -9.19 -10.92 -13.81
N GLU A 27 -9.67 -10.34 -12.72
CA GLU A 27 -10.93 -9.58 -12.77
C GLU A 27 -10.80 -8.44 -13.76
N VAL A 28 -9.69 -7.72 -13.72
CA VAL A 28 -9.51 -6.60 -14.63
C VAL A 28 -9.40 -7.08 -16.06
N ALA A 29 -8.65 -8.17 -16.28
CA ALA A 29 -8.53 -8.75 -17.61
C ALA A 29 -9.90 -9.06 -18.20
N GLU A 30 -10.80 -9.61 -17.39
CA GLU A 30 -12.12 -9.93 -17.89
C GLU A 30 -12.94 -8.66 -18.11
N MET A 31 -12.79 -7.67 -17.24
CA MET A 31 -13.56 -6.42 -17.39
C MET A 31 -13.25 -5.75 -18.72
N VAL A 32 -11.99 -5.75 -19.13
CA VAL A 32 -11.59 -4.99 -20.31
C VAL A 32 -11.31 -5.87 -21.52
N GLY A 33 -11.41 -7.18 -21.39
CA GLY A 33 -11.24 -8.06 -22.55
C GLY A 33 -9.83 -8.19 -23.04
N LYS A 34 -8.85 -8.13 -22.14
CA LYS A 34 -7.43 -8.22 -22.47
C LYS A 34 -6.82 -9.28 -21.57
N PRO A 35 -6.78 -10.53 -22.03
CA PRO A 35 -6.37 -11.62 -21.14
C PRO A 35 -4.98 -11.45 -20.57
N GLU A 36 -4.07 -10.78 -21.30
CA GLU A 36 -2.70 -10.66 -20.85
C GLU A 36 -2.59 -9.86 -19.55
N ILE A 37 -3.61 -9.08 -19.20
CA ILE A 37 -3.59 -8.39 -17.91
C ILE A 37 -3.63 -9.39 -16.75
N ALA A 38 -4.16 -10.59 -16.99
CA ALA A 38 -4.43 -11.52 -15.91
C ALA A 38 -3.18 -11.95 -15.17
N MET A 39 -2.00 -11.88 -15.80
CA MET A 39 -0.77 -12.27 -15.13
C MET A 39 0.19 -11.12 -14.95
N THR A 40 -0.30 -9.89 -15.07
CA THR A 40 0.49 -8.76 -14.62
C THR A 40 0.68 -8.85 -13.12
N HIS A 41 1.67 -8.12 -12.62
CA HIS A 41 1.81 -7.99 -11.16
C HIS A 41 2.33 -6.60 -10.84
N SER A 42 2.27 -6.27 -9.57
CA SER A 42 2.94 -5.08 -9.05
C SER A 42 2.45 -3.83 -9.78
N THR A 43 3.37 -2.92 -10.12
CA THR A 43 2.97 -1.69 -10.77
C THR A 43 2.41 -1.93 -12.17
N ILE A 44 2.74 -3.05 -12.80
CA ILE A 44 2.22 -3.29 -14.13
C ILE A 44 0.72 -3.51 -14.07
N THR A 45 0.24 -4.26 -13.07
CA THR A 45 -1.20 -4.38 -12.87
C THR A 45 -1.81 -3.00 -12.66
N MET A 46 -1.19 -2.20 -11.79
CA MET A 46 -1.79 -0.90 -11.48
C MET A 46 -1.79 0.00 -12.69
N GLY A 47 -0.74 -0.04 -13.50
CA GLY A 47 -0.70 0.74 -14.72
C GLY A 47 -1.74 0.29 -15.72
N ALA A 48 -1.94 -1.03 -15.83
CA ALA A 48 -2.94 -1.52 -16.77
C ALA A 48 -4.33 -1.09 -16.34
N GLU A 49 -4.60 -1.13 -15.03
CA GLU A 49 -5.88 -0.63 -14.53
C GLU A 49 -6.05 0.85 -14.85
N LEU A 50 -5.02 1.65 -14.60
CA LEU A 50 -5.14 3.09 -14.84
C LEU A 50 -5.39 3.37 -16.32
N LYS A 51 -4.69 2.65 -17.19
CA LYS A 51 -4.85 2.85 -18.63
C LYS A 51 -6.20 2.37 -19.13
N GLU A 52 -6.62 1.20 -18.68
CA GLU A 52 -7.78 0.55 -19.28
C GLU A 52 -9.09 0.88 -18.57
N LEU A 53 -9.04 1.28 -17.29
CA LEU A 53 -10.23 1.60 -16.54
C LEU A 53 -10.35 3.08 -16.15
N ALA A 54 -9.25 3.83 -16.11
CA ALA A 54 -9.31 5.19 -15.62
C ALA A 54 -8.86 6.21 -16.66
N GLY A 55 -8.71 5.82 -17.92
CA GLY A 55 -8.47 6.76 -18.99
C GLY A 55 -7.09 7.36 -19.04
N VAL A 56 -6.12 6.80 -18.33
CA VAL A 56 -4.77 7.35 -18.44
C VAL A 56 -4.24 7.02 -19.82
N ASP A 57 -3.94 8.05 -20.59
CA ASP A 57 -3.72 7.87 -22.02
CA ASP A 57 -3.70 7.91 -22.03
C ASP A 57 -2.32 7.33 -22.32
N GLU A 58 -1.32 7.68 -21.53
CA GLU A 58 0.06 7.36 -21.85
C GLU A 58 0.72 6.80 -20.61
N VAL A 59 1.33 5.62 -20.75
CA VAL A 59 2.03 4.96 -19.65
C VAL A 59 3.43 4.62 -20.14
N VAL A 60 4.42 5.00 -19.36
CA VAL A 60 5.79 4.57 -19.56
C VAL A 60 6.24 3.88 -18.27
N VAL A 61 6.97 2.77 -18.42
CA VAL A 61 7.61 2.09 -17.30
CA VAL A 61 7.61 2.13 -17.28
C VAL A 61 9.12 2.21 -17.48
N ALA A 62 9.79 2.71 -16.44
CA ALA A 62 11.23 2.82 -16.39
C ALA A 62 11.79 1.88 -15.34
N ASP A 63 12.81 1.15 -15.70
CA ASP A 63 13.47 0.28 -14.74
C ASP A 63 14.80 -0.11 -15.36
N PRO A 64 15.90 -0.10 -14.62
CA PRO A 64 17.18 -0.54 -15.22
C PRO A 64 17.11 -1.96 -15.74
N VAL A 65 16.18 -2.78 -15.24
CA VAL A 65 16.20 -4.19 -15.56
C VAL A 65 15.92 -4.42 -17.03
N PHE A 66 15.33 -3.46 -17.73
CA PHE A 66 15.02 -3.72 -19.13
C PHE A 66 16.26 -3.85 -19.99
N ASP A 67 17.40 -3.34 -19.54
CA ASP A 67 18.67 -3.57 -20.24
C ASP A 67 19.45 -4.71 -19.63
N ASN A 68 18.89 -5.39 -18.64
CA ASN A 68 19.55 -6.52 -18.00
C ASN A 68 18.70 -7.76 -18.25
N GLN A 69 18.42 -8.57 -17.23
CA GLN A 69 17.75 -9.85 -17.45
C GLN A 69 16.27 -9.78 -17.08
N PHE A 70 15.54 -8.93 -17.79
CA PHE A 70 14.09 -8.91 -17.68
C PHE A 70 13.56 -10.19 -18.29
N THR A 71 12.87 -10.99 -17.49
CA THR A 71 12.50 -12.34 -17.84
C THR A 71 10.99 -12.48 -17.85
N VAL A 72 10.44 -12.89 -18.97
CA VAL A 72 9.02 -13.12 -19.14
C VAL A 72 8.82 -14.62 -19.23
N ILE A 73 8.16 -15.17 -18.22
CA ILE A 73 7.81 -16.58 -18.19
C ILE A 73 6.57 -16.78 -19.04
N ASP A 74 6.67 -17.68 -20.03
CA ASP A 74 5.58 -17.89 -20.97
CA ASP A 74 5.63 -17.93 -21.01
C ASP A 74 4.94 -19.27 -20.82
N ASP A 75 5.21 -19.96 -19.71
CA ASP A 75 4.72 -21.33 -19.55
C ASP A 75 3.22 -21.41 -19.31
N PHE A 76 2.58 -20.31 -18.91
CA PHE A 76 1.20 -20.31 -18.44
C PHE A 76 0.33 -19.51 -19.38
N ALA A 77 -0.78 -20.12 -19.78
CA ALA A 77 -1.74 -19.45 -20.65
C ALA A 77 -2.63 -18.53 -19.82
N TYR A 78 -2.81 -17.30 -20.30
CA TYR A 78 -3.61 -16.34 -19.57
C TYR A 78 -5.01 -16.87 -19.32
N GLU A 79 -5.60 -17.53 -20.32
CA GLU A 79 -6.97 -18.00 -20.13
C GLU A 79 -7.05 -19.10 -19.08
N ASP A 80 -6.02 -19.91 -18.93
CA ASP A 80 -6.02 -20.93 -17.88
C ASP A 80 -5.95 -20.28 -16.51
N VAL A 81 -5.16 -19.21 -16.39
CA VAL A 81 -5.12 -18.50 -15.11
C VAL A 81 -6.47 -17.86 -14.81
N ILE A 82 -7.08 -17.22 -15.80
CA ILE A 82 -8.39 -16.61 -15.61
C ILE A 82 -9.40 -17.66 -15.16
N GLU A 83 -9.41 -18.81 -15.85
CA GLU A 83 -10.38 -19.84 -15.53
C GLU A 83 -10.19 -20.35 -14.11
N ALA A 84 -8.95 -20.59 -13.71
CA ALA A 84 -8.72 -21.10 -12.36
C ALA A 84 -9.17 -20.11 -11.30
N HIS A 85 -8.99 -18.82 -11.57
CA HIS A 85 -9.33 -17.82 -10.58
C HIS A 85 -10.84 -17.58 -10.48
N LYS A 86 -11.62 -18.16 -11.39
CA LYS A 86 -13.07 -18.06 -11.25
C LYS A 86 -13.57 -18.85 -10.06
N GLU A 87 -12.93 -19.98 -9.73
CA GLU A 87 -13.40 -20.75 -8.57
C GLU A 87 -12.29 -21.03 -7.56
N ASP A 88 -11.18 -21.67 -7.94
CA ASP A 88 -10.11 -21.94 -6.98
C ASP A 88 -8.74 -21.62 -7.58
N PRO A 89 -8.17 -20.47 -7.22
CA PRO A 89 -6.85 -20.11 -7.74
C PRO A 89 -5.78 -21.15 -7.44
N GLU A 90 -5.93 -21.92 -6.37
CA GLU A 90 -4.92 -22.91 -6.02
C GLU A 90 -4.90 -24.11 -6.93
N LYS A 91 -5.79 -24.17 -7.91
CA LYS A 91 -5.62 -25.15 -8.98
C LYS A 91 -4.35 -24.86 -9.76
N ILE A 92 -3.99 -23.60 -9.94
CA ILE A 92 -2.88 -23.25 -10.82
C ILE A 92 -1.72 -22.58 -10.09
N MET A 93 -1.98 -21.92 -8.95
CA MET A 93 -0.89 -21.17 -8.31
C MET A 93 0.28 -22.06 -7.92
N PRO A 94 0.10 -23.29 -7.43
CA PRO A 94 1.29 -24.07 -7.05
C PRO A 94 2.24 -24.28 -8.22
N GLN A 95 1.72 -24.53 -9.41
CA GLN A 95 2.58 -24.69 -10.58
C GLN A 95 3.34 -23.40 -10.89
N ILE A 96 2.65 -22.26 -10.77
CA ILE A 96 3.28 -20.98 -11.02
C ILE A 96 4.36 -20.72 -10.00
N ARG A 97 4.05 -20.92 -8.72
CA ARG A 97 5.05 -20.66 -7.68
C ARG A 97 6.28 -21.53 -7.89
N GLU A 98 6.09 -22.80 -8.23
CA GLU A 98 7.25 -23.68 -8.38
C GLU A 98 8.12 -23.23 -9.54
N LYS A 99 7.51 -22.80 -10.63
CA LYS A 99 8.28 -22.33 -11.78
C LYS A 99 9.05 -21.07 -11.41
N VAL A 100 8.39 -20.12 -10.74
CA VAL A 100 9.07 -18.89 -10.38
C VAL A 100 10.20 -19.19 -9.42
N ASN A 101 9.95 -20.05 -8.44
CA ASN A 101 10.99 -20.37 -7.47
C ASN A 101 12.21 -20.97 -8.18
N GLU A 102 11.98 -21.81 -9.19
CA GLU A 102 13.10 -22.40 -9.91
C GLU A 102 13.86 -21.33 -10.70
N VAL A 103 13.14 -20.47 -11.41
CA VAL A 103 13.79 -19.40 -12.17
C VAL A 103 14.61 -18.52 -11.24
N ALA A 104 14.03 -18.19 -10.08
CA ALA A 104 14.69 -17.29 -9.14
C ALA A 104 15.95 -17.89 -8.52
N LYS A 105 16.16 -19.19 -8.61
CA LYS A 105 17.38 -19.78 -8.06
C LYS A 105 18.62 -19.22 -8.74
N GLU A 106 18.55 -19.00 -10.06
CA GLU A 106 19.70 -18.53 -10.81
C GLU A 106 19.55 -17.12 -11.37
N LEU A 107 18.34 -16.62 -11.50
CA LEU A 107 18.19 -15.30 -12.07
C LEU A 107 18.56 -14.24 -11.03
N PRO A 108 19.42 -13.29 -11.37
CA PRO A 108 19.76 -12.26 -10.39
C PRO A 108 18.55 -11.47 -9.95
N LYS A 109 18.66 -10.92 -8.74
CA LYS A 109 17.61 -10.09 -8.19
CA LYS A 109 17.61 -10.09 -8.19
C LYS A 109 17.57 -8.73 -8.87
N PRO A 110 16.45 -8.02 -8.77
CA PRO A 110 16.36 -6.72 -9.43
C PRO A 110 17.34 -5.77 -8.82
N PRO A 111 17.90 -4.84 -9.61
CA PRO A 111 17.56 -4.51 -10.99
C PRO A 111 18.31 -5.29 -12.05
N GLU A 112 19.06 -6.34 -11.68
CA GLU A 112 19.76 -7.14 -12.67
C GLU A 112 18.83 -8.16 -13.32
N GLY A 113 17.84 -8.65 -12.59
CA GLY A 113 16.84 -9.53 -13.18
C GLY A 113 15.48 -9.27 -12.55
N ALA A 114 14.43 -9.64 -13.28
CA ALA A 114 13.06 -9.49 -12.77
C ALA A 114 12.20 -10.47 -13.52
N ILE A 115 11.21 -11.00 -12.81
CA ILE A 115 10.32 -12.04 -13.31
C ILE A 115 8.93 -11.47 -13.53
N HIS A 116 8.47 -11.54 -14.78
CA HIS A 116 7.14 -11.18 -15.20
C HIS A 116 6.57 -12.28 -16.07
N PHE A 117 5.29 -12.15 -16.41
CA PHE A 117 4.58 -13.07 -17.27
C PHE A 117 3.96 -12.36 -18.47
N THR A 118 3.90 -11.05 -18.44
CA THR A 118 3.36 -10.22 -19.52
C THR A 118 4.34 -9.08 -19.70
N HIS A 119 4.86 -8.95 -20.89
CA HIS A 119 5.77 -7.86 -21.13
C HIS A 119 4.99 -6.56 -21.18
N PRO A 120 5.42 -5.52 -20.47
CA PRO A 120 4.66 -4.26 -20.47
C PRO A 120 4.46 -3.68 -21.85
N GLU A 121 5.37 -3.92 -22.79
CA GLU A 121 5.17 -3.40 -24.13
C GLU A 121 3.92 -3.99 -24.77
N ASP A 122 3.53 -5.18 -24.36
CA ASP A 122 2.33 -5.79 -24.89
C ASP A 122 1.04 -5.25 -24.29
N LEU A 123 1.15 -4.35 -23.33
CA LEU A 123 0.04 -3.61 -22.76
C LEU A 123 -0.04 -2.20 -23.31
N GLY A 124 0.81 -1.88 -24.28
CA GLY A 124 0.84 -0.53 -24.82
C GLY A 124 1.63 0.46 -24.01
N PHE A 125 2.47 -0.01 -23.08
CA PHE A 125 3.34 0.89 -22.32
C PHE A 125 4.64 1.11 -23.09
N GLU A 126 5.16 2.33 -23.01
CA GLU A 126 6.55 2.57 -23.38
C GLU A 126 7.45 2.00 -22.31
N ILE A 127 8.60 1.47 -22.73
CA ILE A 127 9.58 1.01 -21.75
CA ILE A 127 9.64 0.90 -21.88
C ILE A 127 10.88 1.78 -21.98
N THR A 128 11.54 2.03 -20.87
CA THR A 128 12.82 2.72 -20.90
C THR A 128 13.63 2.31 -19.67
N THR A 129 14.93 2.52 -19.76
CA THR A 129 15.79 2.40 -18.59
C THR A 129 16.17 3.75 -18.03
N ASP A 130 15.71 4.84 -18.64
CA ASP A 130 16.11 6.18 -18.24
C ASP A 130 14.99 6.86 -17.46
N ASP A 131 15.14 6.94 -16.14
CA ASP A 131 14.09 7.57 -15.32
C ASP A 131 13.87 9.02 -15.72
N ARG A 132 14.95 9.72 -16.12
CA ARG A 132 14.83 11.13 -16.46
C ARG A 132 13.93 11.33 -17.67
N GLU A 133 14.02 10.43 -18.63
CA GLU A 133 13.16 10.55 -19.80
C GLU A 133 11.74 10.10 -19.49
N ALA A 134 11.58 9.10 -18.63
CA ALA A 134 10.24 8.66 -18.29
C ALA A 134 9.45 9.77 -17.61
N VAL A 135 10.08 10.52 -16.70
CA VAL A 135 9.32 11.51 -15.94
C VAL A 135 9.04 12.76 -16.74
N ALA A 136 9.71 12.96 -17.87
CA ALA A 136 9.48 14.16 -18.65
C ALA A 136 8.00 14.27 -19.00
N ASP A 137 7.39 15.38 -18.65
CA ASP A 137 5.99 15.67 -18.97
CA ASP A 137 5.99 15.69 -18.96
C ASP A 137 5.01 14.75 -18.24
N ALA A 138 5.46 13.95 -17.29
CA ALA A 138 4.56 13.06 -16.58
C ALA A 138 3.75 13.80 -15.55
N ASP A 139 2.46 13.46 -15.50
CA ASP A 139 1.55 14.07 -14.53
C ASP A 139 1.46 13.25 -13.25
N PHE A 140 1.81 11.98 -13.32
CA PHE A 140 1.69 11.05 -12.20
C PHE A 140 2.94 10.20 -12.31
N ILE A 141 3.81 10.31 -11.32
CA ILE A 141 5.03 9.52 -11.23
C ILE A 141 4.81 8.53 -10.10
N MET A 142 4.68 7.26 -10.47
CA MET A 142 4.42 6.19 -9.52
C MET A 142 5.74 5.48 -9.25
N THR A 143 6.37 5.78 -8.11
CA THR A 143 7.63 5.15 -7.80
C THR A 143 7.43 3.87 -7.01
N TRP A 144 8.32 2.93 -7.26
CA TRP A 144 8.18 1.59 -6.70
C TRP A 144 9.59 1.09 -6.35
N PHE A 145 10.18 1.73 -5.38
CA PHE A 145 11.59 1.56 -5.12
C PHE A 145 11.84 0.71 -3.87
N PRO A 146 12.95 0.03 -3.89
N PRO A 146 13.06 0.16 -3.68
CA PRO A 146 13.54 -0.50 -2.69
CA PRO A 146 13.26 -0.97 -2.71
C PRO A 146 13.61 0.49 -1.56
C PRO A 146 13.42 -0.83 -1.17
N LYS A 147 14.31 -0.01 -0.59
CA LYS A 147 14.21 0.48 0.76
C LYS A 147 14.58 1.94 0.79
N GLY A 148 13.97 2.62 1.72
CA GLY A 148 13.92 4.06 1.69
C GLY A 148 15.28 4.71 1.62
N ASP A 149 16.28 4.16 2.32
CA ASP A 149 17.57 4.87 2.36
C ASP A 149 18.32 4.83 1.02
N MET A 150 17.84 4.07 0.05
CA MET A 150 18.37 4.08 -1.30
C MET A 150 17.63 5.08 -2.20
N GLN A 151 16.52 5.60 -1.75
CA GLN A 151 15.67 6.40 -2.64
C GLN A 151 16.20 7.78 -2.96
N PRO A 152 16.82 8.50 -2.02
CA PRO A 152 17.36 9.81 -2.42
C PRO A 152 18.30 9.73 -3.59
N ASP A 153 19.23 8.78 -3.60
CA ASP A 153 20.18 8.73 -4.70
C ASP A 153 19.50 8.43 -6.02
N ILE A 154 18.45 7.59 -6.00
CA ILE A 154 17.70 7.31 -7.23
C ILE A 154 16.96 8.55 -7.69
N ILE A 155 16.25 9.19 -6.77
CA ILE A 155 15.34 10.26 -7.12
C ILE A 155 16.11 11.51 -7.55
N ASN A 156 17.23 11.79 -6.90
CA ASN A 156 17.95 13.02 -7.19
C ASN A 156 18.48 13.06 -8.60
N LYS A 157 18.55 11.91 -9.29
CA LYS A 157 18.94 11.93 -10.69
CA LYS A 157 18.93 11.92 -10.69
C LYS A 157 17.87 12.56 -11.56
N PHE A 158 16.60 12.45 -11.19
CA PHE A 158 15.52 12.95 -12.04
C PHE A 158 14.65 14.03 -11.41
N ILE A 159 14.93 14.42 -10.17
CA ILE A 159 13.98 15.31 -9.49
C ILE A 159 13.82 16.62 -10.25
N ASP A 160 14.89 17.12 -10.84
CA ASP A 160 14.81 18.41 -11.53
C ASP A 160 14.18 18.30 -12.91
N ASP A 161 13.82 17.09 -13.34
CA ASP A 161 13.14 16.86 -14.62
C ASP A 161 11.64 16.72 -14.46
N ILE A 162 11.14 16.74 -13.23
CA ILE A 162 9.72 16.51 -12.99
C ILE A 162 8.93 17.75 -13.36
N LYS A 163 7.76 17.53 -13.93
CA LYS A 163 6.86 18.60 -14.28
C LYS A 163 6.31 19.29 -13.03
N PRO A 164 6.35 20.61 -12.94
CA PRO A 164 5.75 21.28 -11.78
C PRO A 164 4.29 20.84 -11.58
N GLY A 165 3.94 20.55 -10.31
CA GLY A 165 2.62 20.12 -9.93
C GLY A 165 2.38 18.64 -10.06
N ALA A 166 3.31 17.88 -10.62
CA ALA A 166 3.12 16.45 -10.79
C ALA A 166 2.77 15.79 -9.47
N ILE A 167 2.00 14.73 -9.57
CA ILE A 167 1.71 13.85 -8.44
C ILE A 167 2.79 12.79 -8.41
N VAL A 168 3.44 12.63 -7.26
CA VAL A 168 4.53 11.68 -7.11
C VAL A 168 4.21 10.79 -5.92
N THR A 169 4.20 9.47 -6.14
CA THR A 169 3.83 8.53 -5.11
C THR A 169 5.01 7.65 -4.74
N HIS A 170 5.02 7.22 -3.48
CA HIS A 170 6.11 6.42 -2.92
C HIS A 170 5.65 5.02 -2.53
N ALA A 171 6.59 4.09 -2.59
CA ALA A 171 6.40 2.74 -2.10
C ALA A 171 6.37 2.70 -0.56
N CYS A 172 5.87 1.60 -0.02
CA CYS A 172 5.77 1.46 1.42
C CYS A 172 7.11 1.25 2.08
N THR A 173 8.16 1.13 1.31
CA THR A 173 9.52 0.97 1.78
C THR A 173 10.07 2.27 2.34
N ILE A 174 9.31 3.37 2.30
CA ILE A 174 9.76 4.63 2.87
C ILE A 174 8.54 5.30 3.48
N PRO A 175 8.66 5.95 4.62
CA PRO A 175 7.56 6.75 5.14
C PRO A 175 7.35 7.98 4.28
N THR A 176 6.09 8.43 4.20
CA THR A 176 5.81 9.62 3.41
C THR A 176 6.65 10.80 3.86
N THR A 177 6.81 10.98 5.16
CA THR A 177 7.59 12.10 5.69
CA THR A 177 7.56 12.14 5.62
C THR A 177 8.98 12.13 5.08
N LYS A 178 9.64 10.97 5.06
CA LYS A 178 11.00 10.91 4.56
C LYS A 178 11.05 11.07 3.05
N PHE A 179 10.09 10.48 2.34
CA PHE A 179 10.02 10.68 0.90
C PHE A 179 9.81 12.16 0.58
N TYR A 180 8.89 12.81 1.28
CA TYR A 180 8.65 14.23 1.05
C TYR A 180 9.91 15.05 1.23
N LYS A 181 10.71 14.73 2.24
CA LYS A 181 11.92 15.49 2.50
C LYS A 181 12.87 15.48 1.31
N ILE A 182 12.82 14.43 0.49
CA ILE A 182 13.65 14.39 -0.71
C ILE A 182 13.27 15.54 -1.64
N PHE A 183 11.98 15.85 -1.71
CA PHE A 183 11.46 16.80 -2.67
C PHE A 183 11.32 18.20 -2.10
N GLU A 184 11.30 18.33 -0.78
CA GLU A 184 10.99 19.61 -0.18
C GLU A 184 12.04 20.62 -0.57
N GLN A 185 11.59 21.74 -1.12
CA GLN A 185 12.46 22.86 -1.44
C GLN A 185 12.11 23.98 -0.48
N LYS A 186 13.06 24.38 0.34
CA LYS A 186 12.75 25.37 1.35
C LYS A 186 13.24 26.75 0.91
N HIS A 187 14.49 27.03 1.20
CA HIS A 187 15.03 28.37 1.10
C HIS A 187 15.55 28.64 -0.30
N GLY A 188 15.67 29.91 -0.63
CA GLY A 188 16.14 30.26 -1.95
C GLY A 188 16.54 31.71 -2.04
N ASP A 189 17.23 32.01 -3.12
CA ASP A 189 17.82 33.31 -3.32
C ASP A 189 17.09 34.14 -4.35
N LEU A 190 16.22 33.53 -5.13
CA LEU A 190 15.47 34.21 -6.18
C LEU A 190 14.01 33.91 -5.92
N VAL A 191 13.23 34.97 -5.80
CA VAL A 191 11.82 34.86 -5.50
C VAL A 191 11.08 34.58 -6.79
N THR A 192 10.98 33.30 -7.10
CA THR A 192 10.19 32.79 -8.20
C THR A 192 9.23 31.76 -7.60
N LYS A 193 8.13 31.53 -8.29
CA LYS A 193 7.13 30.58 -7.79
C LYS A 193 7.75 29.19 -7.66
N PRO A 194 7.67 28.55 -6.48
CA PRO A 194 8.29 27.23 -6.35
C PRO A 194 7.61 26.21 -7.24
N GLU A 195 8.40 25.24 -7.69
CA GLU A 195 7.88 24.14 -8.49
C GLU A 195 7.39 23.07 -7.53
N THR A 196 6.23 23.35 -6.95
CA THR A 196 5.68 22.49 -5.92
C THR A 196 5.20 21.19 -6.55
N LEU A 197 5.57 20.09 -5.93
CA LEU A 197 5.13 18.76 -6.31
C LEU A 197 4.12 18.29 -5.28
N ASN A 198 3.32 17.34 -5.70
CA ASN A 198 2.26 16.80 -4.86
C ASN A 198 2.63 15.37 -4.48
N VAL A 199 3.17 15.24 -3.29
CA VAL A 199 3.71 13.97 -2.80
C VAL A 199 2.60 13.24 -2.05
N THR A 200 2.39 11.98 -2.41
CA THR A 200 1.35 11.17 -1.80
C THR A 200 1.71 9.70 -2.01
N SER A 201 0.73 8.81 -1.92
CA SER A 201 0.94 7.40 -2.14
C SER A 201 -0.19 6.87 -3.01
N TYR A 202 0.07 5.70 -3.59
CA TYR A 202 -0.93 4.95 -4.35
C TYR A 202 -0.63 3.50 -4.07
N HIS A 203 -0.84 3.12 -2.81
CA HIS A 203 -0.24 1.90 -2.32
C HIS A 203 -1.30 0.84 -2.10
N PRO A 204 -1.15 -0.31 -2.72
CA PRO A 204 -2.14 -1.37 -2.55
C PRO A 204 -1.88 -2.14 -1.27
N GLY A 205 -2.93 -2.66 -0.69
CA GLY A 205 -2.76 -3.71 0.29
C GLY A 205 -2.39 -5.01 -0.38
N ALA A 206 -1.77 -5.92 0.38
CA ALA A 206 -1.32 -7.20 -0.17
C ALA A 206 -0.51 -6.92 -1.43
N VAL A 207 -0.73 -7.62 -2.52
CA VAL A 207 -0.12 -7.32 -3.80
C VAL A 207 -1.25 -6.98 -4.75
N PRO A 208 -1.02 -6.06 -5.69
CA PRO A 208 -2.16 -5.52 -6.45
C PRO A 208 -2.73 -6.48 -7.44
N GLU A 209 -1.97 -7.48 -7.87
CA GLU A 209 -2.56 -8.47 -8.75
C GLU A 209 -3.52 -9.36 -8.02
N MET A 210 -3.44 -9.39 -6.70
CA MET A 210 -4.31 -10.22 -5.89
C MET A 210 -5.55 -9.49 -5.43
N LYS A 211 -5.40 -8.26 -4.97
CA LYS A 211 -6.46 -7.51 -4.31
C LYS A 211 -6.56 -6.13 -4.93
N GLY A 212 -7.78 -5.68 -5.14
N GLY A 212 -7.77 -5.59 -4.95
CA GLY A 212 -8.05 -4.29 -5.43
CA GLY A 212 -8.03 -4.27 -5.48
C GLY A 212 -7.76 -3.45 -4.21
C GLY A 212 -8.38 -3.23 -4.41
N GLN A 213 -8.20 -2.20 -4.28
N GLN A 213 -7.35 -2.63 -3.83
CA GLN A 213 -8.00 -1.22 -3.21
CA GLN A 213 -7.56 -1.55 -2.88
C GLN A 213 -6.64 -0.53 -3.29
C GLN A 213 -6.39 -0.61 -3.06
N VAL A 214 -6.56 0.65 -2.68
CA VAL A 214 -5.42 1.53 -2.74
C VAL A 214 -5.53 2.53 -1.61
N TYR A 215 -4.37 2.90 -1.07
CA TYR A 215 -4.21 3.81 0.06
C TYR A 215 -3.45 5.05 -0.42
N ILE A 216 -4.06 6.21 -0.19
CA ILE A 216 -3.59 7.50 -0.67
C ILE A 216 -3.29 8.39 0.53
N ALA A 217 -2.00 8.68 0.73
CA ALA A 217 -1.54 9.42 1.89
C ALA A 217 -1.84 10.91 1.78
N GLU A 218 -2.41 11.47 2.85
CA GLU A 218 -2.70 12.89 2.93
CA GLU A 218 -2.68 12.89 2.92
C GLU A 218 -1.63 13.60 3.74
N GLY A 219 -1.40 14.87 3.42
CA GLY A 219 -0.57 15.73 4.24
C GLY A 219 0.50 16.50 3.51
N TYR A 220 0.79 16.14 2.29
N TYR A 220 0.80 16.06 2.27
CA TYR A 220 1.83 16.84 1.58
CA TYR A 220 1.95 16.53 1.49
C TYR A 220 1.36 17.40 0.27
C TYR A 220 1.62 16.77 0.03
N ALA A 221 0.34 16.81 -0.30
CA ALA A 221 -0.15 17.14 -1.62
C ALA A 221 -1.37 18.04 -1.46
N SER A 222 -1.67 18.79 -2.52
CA SER A 222 -2.86 19.64 -2.48
C SER A 222 -4.11 18.79 -2.39
N GLU A 223 -5.20 19.42 -1.94
CA GLU A 223 -6.48 18.74 -1.94
C GLU A 223 -6.86 18.30 -3.35
N ASP A 224 -6.61 19.15 -4.35
CA ASP A 224 -6.95 18.77 -5.72
C ASP A 224 -6.19 17.53 -6.15
N ALA A 225 -4.91 17.44 -5.78
CA ALA A 225 -4.13 16.26 -6.16
C ALA A 225 -4.65 15.01 -5.48
N ILE A 226 -4.97 15.09 -4.19
CA ILE A 226 -5.50 13.93 -3.48
C ILE A 226 -6.83 13.51 -4.10
N GLU A 227 -7.71 14.49 -4.38
CA GLU A 227 -8.99 14.14 -4.99
C GLU A 227 -8.80 13.49 -6.35
N THR A 228 -7.89 14.03 -7.17
CA THR A 228 -7.63 13.43 -8.48
C THR A 228 -7.20 11.99 -8.32
N LEU A 229 -6.27 11.74 -7.41
CA LEU A 229 -5.73 10.41 -7.26
C LEU A 229 -6.77 9.46 -6.66
N PHE A 230 -7.56 9.96 -5.72
CA PHE A 230 -8.63 9.15 -5.12
C PHE A 230 -9.63 8.70 -6.18
N GLU A 231 -10.01 9.62 -7.07
CA GLU A 231 -10.96 9.26 -8.12
CA GLU A 231 -10.96 9.25 -8.11
C GLU A 231 -10.35 8.29 -9.12
N LEU A 232 -9.07 8.47 -9.47
CA LEU A 232 -8.41 7.48 -10.32
C LEU A 232 -8.39 6.12 -9.63
N GLY A 233 -8.06 6.11 -8.34
CA GLY A 233 -7.96 4.85 -7.62
C GLY A 233 -9.29 4.15 -7.50
N GLN A 234 -10.37 4.92 -7.29
CA GLN A 234 -11.70 4.30 -7.27
C GLN A 234 -11.97 3.56 -8.57
N LYS A 235 -11.69 4.21 -9.70
CA LYS A 235 -11.95 3.60 -11.01
C LYS A 235 -10.99 2.45 -11.28
N ALA A 236 -9.72 2.61 -10.94
CA ALA A 236 -8.69 1.68 -11.37
C ALA A 236 -8.52 0.51 -10.43
N ARG A 237 -8.58 0.76 -9.14
CA ARG A 237 -8.37 -0.27 -8.14
C ARG A 237 -9.68 -0.79 -7.55
N GLY A 238 -10.79 -0.13 -7.85
CA GLY A 238 -12.08 -0.56 -7.39
C GLY A 238 -12.53 0.12 -6.13
N ASN A 239 -11.58 0.46 -5.27
N ASN A 239 -11.59 0.47 -5.23
CA ASN A 239 -11.88 1.28 -4.14
CA ASN A 239 -11.94 1.16 -3.99
C ASN A 239 -10.62 2.01 -3.79
C ASN A 239 -10.69 1.77 -3.35
N ALA A 240 -10.78 3.04 -2.99
CA ALA A 240 -9.64 3.80 -2.51
C ALA A 240 -9.92 4.32 -1.12
N TYR A 241 -8.85 4.53 -0.38
CA TYR A 241 -8.90 5.15 0.95
C TYR A 241 -7.89 6.27 0.96
N ARG A 242 -8.32 7.44 1.40
CA ARG A 242 -7.42 8.55 1.65
C ARG A 242 -7.30 8.71 3.15
N LEU A 243 -6.06 8.81 3.64
CA LEU A 243 -5.82 8.78 5.07
C LEU A 243 -4.56 9.55 5.39
N PRO A 244 -4.40 10.00 6.62
CA PRO A 244 -3.17 10.69 6.99
C PRO A 244 -1.96 9.81 6.72
N ALA A 245 -0.91 10.43 6.16
CA ALA A 245 0.27 9.68 5.73
C ALA A 245 0.85 8.85 6.86
N GLU A 246 0.83 9.38 8.07
CA GLU A 246 1.40 8.73 9.24
C GLU A 246 0.65 7.46 9.61
N LEU A 247 -0.52 7.22 9.04
CA LEU A 247 -1.24 6.00 9.31
C LEU A 247 -0.97 4.90 8.29
N LEU A 248 -0.16 5.15 7.26
CA LEU A 248 0.09 4.11 6.26
C LEU A 248 0.71 2.89 6.89
N GLY A 249 1.79 3.08 7.61
CA GLY A 249 2.44 1.96 8.26
C GLY A 249 1.49 1.18 9.14
N PRO A 250 0.78 1.89 10.00
CA PRO A 250 -0.16 1.22 10.90
C PRO A 250 -1.27 0.46 10.22
N VAL A 251 -1.58 0.72 8.95
CA VAL A 251 -2.61 -0.05 8.25
C VAL A 251 -2.05 -1.08 7.28
N CYS A 252 -0.74 -1.33 7.30
CA CYS A 252 -0.18 -2.35 6.42
C CYS A 252 -0.60 -3.75 6.87
N ASP A 253 -0.32 -4.74 6.04
CA ASP A 253 -0.74 -6.11 6.33
C ASP A 253 -0.11 -6.66 7.60
N MET A 254 1.04 -6.14 8.02
CA MET A 254 1.68 -6.59 9.25
C MET A 254 1.07 -5.98 10.49
N CYS A 255 0.57 -4.76 10.38
CA CYS A 255 0.18 -3.98 11.55
C CYS A 255 -1.30 -3.81 11.72
N SER A 256 -2.05 -3.92 10.64
CA SER A 256 -3.42 -3.43 10.64
C SER A 256 -4.26 -4.11 11.70
N ALA A 257 -4.04 -5.40 11.95
CA ALA A 257 -4.88 -6.08 12.91
C ALA A 257 -4.87 -5.37 14.25
N LEU A 258 -3.69 -4.96 14.72
CA LEU A 258 -3.62 -4.27 16.00
C LEU A 258 -4.29 -2.90 15.92
N THR A 259 -4.00 -2.15 14.87
CA THR A 259 -4.62 -0.84 14.71
C THR A 259 -6.13 -0.97 14.67
N ALA A 260 -6.62 -2.01 13.99
CA ALA A 260 -8.06 -2.23 13.88
C ALA A 260 -8.67 -2.51 15.25
N ILE A 261 -8.05 -3.38 16.04
CA ILE A 261 -8.58 -3.67 17.37
C ILE A 261 -8.64 -2.40 18.18
N THR A 262 -7.54 -1.66 18.20
CA THR A 262 -7.47 -0.47 19.02
C THR A 262 -8.51 0.55 18.56
N TYR A 263 -8.63 0.73 17.25
CA TYR A 263 -9.57 1.71 16.73
C TYR A 263 -11.00 1.33 17.03
N ALA A 264 -11.33 0.05 16.85
CA ALA A 264 -12.68 -0.41 17.19
C ALA A 264 -12.95 -0.16 18.67
N GLY A 265 -11.94 -0.35 19.52
CA GLY A 265 -12.11 -0.07 20.93
C GLY A 265 -12.38 1.40 21.21
N ILE A 266 -11.58 2.27 20.59
CA ILE A 266 -11.75 3.71 20.78
C ILE A 266 -13.15 4.14 20.37
N LEU A 267 -13.59 3.72 19.19
CA LEU A 267 -14.89 4.14 18.69
C LEU A 267 -16.01 3.60 19.55
N SER A 268 -15.88 2.35 20.00
CA SER A 268 -16.93 1.76 20.81
C SER A 268 -17.02 2.45 22.16
N TYR A 269 -15.86 2.68 22.78
CA TYR A 269 -15.81 3.37 24.06
C TYR A 269 -16.39 4.77 23.95
N ARG A 270 -15.93 5.51 22.93
CA ARG A 270 -16.47 6.85 22.68
C ARG A 270 -17.99 6.83 22.62
N ASP A 271 -18.53 5.91 21.82
CA ASP A 271 -19.97 5.89 21.64
C ASP A 271 -20.71 5.50 22.91
N SER A 272 -20.17 4.57 23.71
CA SER A 272 -20.81 4.29 24.99
C SER A 272 -20.87 5.55 25.86
N VAL A 273 -19.75 6.28 25.90
CA VAL A 273 -19.66 7.49 26.71
C VAL A 273 -20.64 8.55 26.24
N THR A 274 -20.69 8.83 24.92
CA THR A 274 -21.52 9.95 24.47
C THR A 274 -22.98 9.55 24.34
N GLN A 275 -23.26 8.32 23.88
CA GLN A 275 -24.63 7.99 23.52
C GLN A 275 -25.43 7.45 24.68
N VAL A 276 -24.78 6.74 25.60
CA VAL A 276 -25.48 6.15 26.74
C VAL A 276 -25.22 6.93 28.00
N LEU A 277 -23.96 7.17 28.32
CA LEU A 277 -23.66 7.92 29.52
C LEU A 277 -24.08 9.38 29.35
N GLY A 278 -23.99 9.91 28.14
CA GLY A 278 -24.40 11.26 27.85
C GLY A 278 -23.35 12.32 28.09
N ALA A 279 -22.07 11.92 28.19
CA ALA A 279 -20.99 12.86 28.42
C ALA A 279 -20.46 13.39 27.10
N PRO A 280 -19.75 14.52 27.11
CA PRO A 280 -19.19 15.05 25.86
C PRO A 280 -18.10 14.15 25.31
N ALA A 281 -17.95 14.17 23.99
CA ALA A 281 -16.85 13.42 23.40
C ALA A 281 -15.51 13.80 24.01
N SER A 282 -15.34 15.06 24.41
CA SER A 282 -14.07 15.47 25.00
C SER A 282 -13.76 14.72 26.29
N PHE A 283 -14.79 14.29 27.01
CA PHE A 283 -14.57 13.48 28.21
C PHE A 283 -14.05 12.10 27.82
N ALA A 284 -14.68 11.47 26.83
CA ALA A 284 -14.16 10.21 26.32
C ALA A 284 -12.72 10.35 25.86
N GLN A 285 -12.42 11.45 25.19
CA GLN A 285 -11.09 11.65 24.63
C GLN A 285 -10.05 11.82 25.73
N MET A 286 -10.38 12.55 26.79
CA MET A 286 -9.39 12.73 27.85
CA MET A 286 -9.38 12.72 27.83
C MET A 286 -9.07 11.39 28.51
N MET A 287 -10.10 10.56 28.74
CA MET A 287 -9.83 9.25 29.33
C MET A 287 -9.05 8.38 28.36
N ALA A 288 -9.45 8.38 27.11
CA ALA A 288 -8.78 7.54 26.11
C ALA A 288 -7.33 7.94 25.95
N LYS A 289 -7.04 9.24 25.95
CA LYS A 289 -5.65 9.69 25.79
C LYS A 289 -4.77 9.10 26.88
N GLU A 290 -5.22 9.18 28.13
CA GLU A 290 -4.40 8.70 29.22
C GLU A 290 -4.27 7.19 29.17
N SER A 291 -5.37 6.50 28.86
CA SER A 291 -5.35 5.04 28.77
C SER A 291 -4.40 4.58 27.69
N LEU A 292 -4.55 5.13 26.49
CA LEU A 292 -3.68 4.74 25.39
C LEU A 292 -2.22 5.07 25.67
N GLU A 293 -1.96 6.30 26.15
CA GLU A 293 -0.59 6.68 26.40
C GLU A 293 0.05 5.79 27.45
N GLN A 294 -0.69 5.48 28.51
CA GLN A 294 -0.06 4.71 29.58
C GLN A 294 0.12 3.25 29.21
N ILE A 295 -0.82 2.65 28.49
CA ILE A 295 -0.61 1.25 28.12
C ILE A 295 0.55 1.16 27.13
N THR A 296 0.70 2.18 26.26
CA THR A 296 1.82 2.21 25.34
C THR A 296 3.13 2.41 26.09
N ALA A 297 3.14 3.31 27.07
CA ALA A 297 4.35 3.55 27.83
C ALA A 297 4.76 2.31 28.61
N LEU A 298 3.79 1.57 29.14
CA LEU A 298 4.12 0.34 29.86
C LEU A 298 4.82 -0.64 28.93
N MET A 299 4.24 -0.85 27.75
CA MET A 299 4.87 -1.74 26.79
C MET A 299 6.31 -1.33 26.53
N GLU A 300 6.56 -0.05 26.31
CA GLU A 300 7.91 0.41 26.00
C GLU A 300 8.83 0.24 27.20
N LYS A 301 8.32 0.45 28.40
CA LYS A 301 9.17 0.40 29.57
C LYS A 301 9.62 -1.03 29.90
N VAL A 302 8.68 -1.98 29.89
CA VAL A 302 8.99 -3.33 30.35
C VAL A 302 9.15 -4.33 29.21
N GLY A 303 8.74 -3.98 27.99
CA GLY A 303 8.76 -4.89 26.87
C GLY A 303 7.41 -5.52 26.69
N ILE A 304 7.01 -5.71 25.44
CA ILE A 304 5.70 -6.28 25.15
C ILE A 304 5.57 -7.67 25.75
N ASP A 305 6.67 -8.39 25.88
CA ASP A 305 6.68 -9.75 26.42
C ASP A 305 6.54 -9.81 27.93
N LYS A 306 6.68 -8.68 28.63
CA LYS A 306 6.66 -8.67 30.08
C LYS A 306 5.49 -7.88 30.66
N MET A 307 4.51 -7.54 29.84
CA MET A 307 3.45 -6.68 30.33
C MET A 307 2.65 -7.34 31.43
N GLU A 308 2.36 -8.64 31.29
CA GLU A 308 1.46 -9.28 32.24
C GLU A 308 2.06 -9.41 33.63
N GLU A 309 3.39 -9.48 33.74
CA GLU A 309 3.98 -9.53 35.08
C GLU A 309 3.97 -8.17 35.76
N ASN A 310 3.59 -7.13 35.05
CA ASN A 310 3.44 -5.79 35.60
C ASN A 310 2.00 -5.38 35.76
N LEU A 311 1.17 -5.68 34.77
CA LEU A 311 -0.26 -5.42 34.82
C LEU A 311 -0.96 -6.75 34.59
N ASP A 312 -1.43 -7.37 35.66
CA ASP A 312 -2.16 -8.61 35.57
C ASP A 312 -3.38 -8.38 34.69
N PRO A 313 -3.57 -9.14 33.62
CA PRO A 313 -4.81 -9.00 32.84
C PRO A 313 -6.07 -9.05 33.68
N GLY A 314 -6.06 -9.82 34.76
CA GLY A 314 -7.21 -9.89 35.64
C GLY A 314 -7.51 -8.59 36.36
N ALA A 315 -6.54 -7.69 36.47
CA ALA A 315 -6.78 -6.43 37.16
C ALA A 315 -7.82 -5.60 36.44
N LEU A 316 -8.01 -5.81 35.16
CA LEU A 316 -8.94 -4.99 34.41
C LEU A 316 -10.37 -5.47 34.53
N LEU A 317 -10.57 -6.73 34.92
CA LEU A 317 -11.88 -7.36 34.75
C LEU A 317 -13.00 -6.67 35.52
N GLY A 318 -12.78 -6.47 36.81
CA GLY A 318 -13.84 -5.92 37.63
C GLY A 318 -14.25 -4.53 37.20
N THR A 319 -13.26 -3.67 36.94
CA THR A 319 -13.58 -2.29 36.60
C THR A 319 -14.06 -2.14 35.16
N ALA A 320 -13.60 -3.01 34.25
CA ALA A 320 -14.04 -2.87 32.87
C ALA A 320 -15.53 -3.14 32.73
N ASP A 321 -16.08 -3.98 33.61
CA ASP A 321 -17.50 -4.30 33.60
C ASP A 321 -18.35 -3.06 33.78
N SER A 322 -17.81 -2.03 34.41
CA SER A 322 -18.62 -0.85 34.72
C SER A 322 -19.03 -0.08 33.48
N MET A 323 -18.32 -0.25 32.37
CA MET A 323 -18.66 0.42 31.11
C MET A 323 -19.28 -0.54 30.12
N ASN A 324 -19.79 -1.66 30.59
CA ASN A 324 -20.35 -2.69 29.72
C ASN A 324 -21.80 -2.33 29.35
N PHE A 325 -21.92 -1.40 28.40
CA PHE A 325 -23.21 -0.97 27.87
C PHE A 325 -22.96 -0.26 26.56
N GLY A 326 -24.01 -0.13 25.76
CA GLY A 326 -23.88 0.57 24.50
C GLY A 326 -22.90 -0.15 23.58
N ALA A 327 -22.24 0.63 22.72
CA ALA A 327 -21.40 0.05 21.70
C ALA A 327 -20.33 -0.86 22.31
N SER A 328 -19.78 -0.48 23.46
CA SER A 328 -18.72 -1.27 24.07
C SER A 328 -19.20 -2.68 24.43
N ALA A 329 -20.51 -2.86 24.66
CA ALA A 329 -21.01 -4.17 25.02
C ALA A 329 -20.86 -5.18 23.89
N GLU A 330 -20.65 -4.71 22.67
CA GLU A 330 -20.41 -5.64 21.57
C GLU A 330 -19.01 -6.25 21.62
N ILE A 331 -18.02 -5.48 22.07
CA ILE A 331 -16.62 -5.90 22.00
C ILE A 331 -16.12 -6.44 23.32
N LEU A 332 -16.65 -5.96 24.44
CA LEU A 332 -16.17 -6.45 25.72
C LEU A 332 -16.30 -7.95 25.94
N PRO A 333 -17.32 -8.66 25.42
CA PRO A 333 -17.39 -10.10 25.71
C PRO A 333 -16.13 -10.83 25.35
N THR A 334 -15.63 -10.60 24.15
CA THR A 334 -14.43 -11.29 23.72
CA THR A 334 -14.44 -11.32 23.75
C THR A 334 -13.24 -10.86 24.55
N VAL A 335 -13.17 -9.57 24.86
CA VAL A 335 -12.07 -9.04 25.64
C VAL A 335 -12.04 -9.68 27.03
N PHE A 336 -13.21 -9.78 27.68
CA PHE A 336 -13.26 -10.41 28.99
C PHE A 336 -12.82 -11.86 28.92
N GLU A 337 -13.24 -12.59 27.89
CA GLU A 337 -12.82 -13.97 27.76
C GLU A 337 -11.30 -14.07 27.67
N ILE A 338 -10.70 -13.20 26.85
CA ILE A 338 -9.26 -13.19 26.67
C ILE A 338 -8.54 -12.86 27.97
N LEU A 339 -8.98 -11.80 28.65
CA LEU A 339 -8.29 -11.41 29.87
C LEU A 339 -8.51 -12.44 30.99
N GLU A 340 -9.69 -13.07 31.05
CA GLU A 340 -9.91 -14.13 32.03
C GLU A 340 -8.93 -15.27 31.83
N LYS A 341 -8.69 -15.66 30.58
CA LYS A 341 -7.77 -16.76 30.31
CA LYS A 341 -7.77 -16.76 30.33
C LYS A 341 -6.34 -16.38 30.66
N ARG A 342 -6.00 -15.11 30.59
CA ARG A 342 -4.63 -14.65 30.78
C ARG A 342 -4.36 -14.16 32.20
N LYS A 343 -5.35 -14.12 33.05
CA LYS A 343 -5.13 -13.55 34.37
C LYS A 343 -4.18 -14.41 35.19
N LYS A 344 -3.51 -13.76 36.11
CA LYS A 344 -2.63 -14.48 37.04
C LYS A 344 -3.41 -15.20 38.11
FE FE B . 3.98 -2.11 -0.15
FE FE C . 2.79 -1.64 9.27
FE FE D . 24.36 7.75 -1.57
N1 FEG E . 6.38 -4.14 -3.37
C2 FEG E . 6.73 -5.39 -3.63
O2 FEG E . 5.83 -6.35 -3.49
C3 FEG E . 8.07 -5.70 -4.06
C3M FEG E . 8.44 -7.12 -4.31
C4 FEG E . 8.98 -4.61 -4.27
C5 FEG E . 8.57 -3.27 -3.96
C5M FEG E . 9.54 -2.15 -4.19
C6 FEG E . 7.20 -3.09 -3.48
C7 FEG E . 6.72 -1.71 -3.19
C8 FEG E . 5.54 -1.58 -2.27
O28 FEG E . 4.94 -2.58 -1.82
O18 FEG E . 5.23 -0.40 -1.94
O3P FEG E . 10.24 -4.85 -4.71
P1 FEG E . 10.56 -5.17 -6.24
O1P FEG E . 11.97 -5.71 -6.22
O2P FEG E . 9.48 -6.00 -6.81
O5S FEG E . 10.52 -3.75 -6.99
C5S FEG E . 11.61 -2.81 -6.95
C4S FEG E . 11.83 -2.36 -8.39
C3S FEG E . 12.55 -3.41 -9.24
O3S FEG E . 11.84 -3.72 -10.44
C2S FEG E . 13.90 -2.73 -9.51
O2S FEG E . 14.61 -3.17 -10.64
C1S FEG E . 13.49 -1.27 -9.54
O4S FEG E . 12.66 -1.19 -8.39
N9A FEG E . 14.59 -0.31 -9.42
C8A FEG E . 15.73 -0.43 -8.69
N7A FEG E . 16.49 0.66 -8.87
C5A FEG E . 15.82 1.48 -9.71
C4A FEG E . 14.57 0.84 -10.04
C6A FEG E . 16.06 2.77 -10.30
O6A FEG E . 17.11 3.43 -10.11
N1A FEG E . 15.06 3.24 -11.09
C2A FEG E . 13.94 2.56 -11.36
N3A FEG E . 13.65 1.35 -10.86
N2A FEG E . 13.04 3.15 -12.18
C1 GOL F . -25.51 3.04 31.94
O1 GOL F . -25.63 4.03 32.95
C2 GOL F . -26.85 2.36 31.70
O2 GOL F . -26.93 1.84 30.40
C3 GOL F . -27.08 1.22 32.68
O3 GOL F . -28.17 0.45 32.24
#